data_5HGK
#
_entry.id   5HGK
#
_cell.length_a   43.720
_cell.length_b   23.850
_cell.length_c   129.549
_cell.angle_alpha   90.000
_cell.angle_beta   96.310
_cell.angle_gamma   90.000
#
_symmetry.space_group_name_H-M   'P 1 21 1'
#
loop_
_entity.id
_entity.type
_entity.pdbx_description
1 polymer 'Capsid protein'
2 non-polymer 'CHLORIDE ION'
3 water water
#
_entity_poly.entity_id   1
_entity_poly.type   'polypeptide(L)'
_entity_poly.pdbx_seq_one_letter_code
;PIVQNLQGQMVHQAISPRTLNAWVKVVEEKAFSPEVIPMFSALSEGATPQDLNTMLNTVGGHQAAMQMLKETINEEAAEW
DRLHPVHAGPIAPGQMREPRGSDIAGTTSTLQEQIGWMTHNPPIPVGEIYKRWIILGLNKIVRMYS
;
_entity_poly.pdbx_strand_id   A,B
#
loop_
_chem_comp.id
_chem_comp.type
_chem_comp.name
_chem_comp.formula
CL non-polymer 'CHLORIDE ION' 'Cl -1'
#
# COMPACT_ATOMS: atom_id res chain seq x y z
N PRO A 1 4.64 0.27 11.98
CA PRO A 1 3.48 -0.63 11.98
C PRO A 1 3.56 -1.69 13.07
N ILE A 2 2.53 -2.54 13.13
CA ILE A 2 2.45 -3.63 14.10
C ILE A 2 2.48 -4.94 13.34
N VAL A 3 3.34 -5.84 13.79
CA VAL A 3 3.45 -7.17 13.19
C VAL A 3 3.39 -8.20 14.29
N GLN A 4 3.11 -9.44 13.89
CA GLN A 4 3.11 -10.59 14.77
C GLN A 4 4.44 -11.30 14.53
N ASN A 5 5.29 -11.39 15.56
CA ASN A 5 6.61 -12.02 15.38
C ASN A 5 6.49 -13.54 15.44
N LEU A 6 7.60 -14.22 15.17
CA LEU A 6 7.63 -15.69 15.15
C LEU A 6 7.19 -16.33 16.46
N GLN A 7 7.44 -15.65 17.57
CA GLN A 7 7.06 -16.15 18.89
C GLN A 7 5.64 -15.73 19.32
N GLY A 8 4.85 -15.21 18.38
CA GLY A 8 3.43 -14.95 18.58
C GLY A 8 3.04 -13.61 19.20
N GLN A 9 4.02 -12.77 19.48
CA GLN A 9 3.76 -11.45 20.11
C GLN A 9 3.48 -10.40 19.05
N MET A 10 2.66 -9.42 19.45
CA MET A 10 2.34 -8.24 18.66
C MET A 10 3.35 -7.13 18.99
N VAL A 11 4.15 -6.78 18.00
CA VAL A 11 5.33 -5.93 18.21
C VAL A 11 5.46 -4.88 17.13
N HIS A 12 6.28 -3.87 17.40
CA HIS A 12 6.51 -2.78 16.47
C HIS A 12 7.47 -3.20 15.35
N GLN A 13 7.16 -2.75 14.14
CA GLN A 13 8.10 -2.79 13.04
C GLN A 13 8.25 -1.38 12.51
N ALA A 14 9.48 -1.02 12.13
CA ALA A 14 9.77 0.30 11.55
C ALA A 14 8.95 0.53 10.29
N ILE A 15 8.67 1.80 9.99
CA ILE A 15 8.00 2.16 8.74
C ILE A 15 8.90 1.74 7.60
N SER A 16 8.31 1.20 6.53
CA SER A 16 9.11 0.80 5.38
C SER A 16 9.81 2.04 4.82
N PRO A 17 11.10 1.93 4.50
CA PRO A 17 11.76 3.05 3.83
C PRO A 17 11.02 3.56 2.58
N ARG A 18 10.34 2.67 1.87
CA ARG A 18 9.55 3.04 0.69
C ARG A 18 8.35 3.91 1.07
N THR A 19 7.65 3.51 2.14
CA THR A 19 6.52 4.29 2.67
C THR A 19 6.94 5.69 3.11
N LEU A 20 8.04 5.78 3.88
N LEU A 20 8.03 5.77 3.87
CA LEU A 20 8.54 7.06 4.38
CA LEU A 20 8.54 7.06 4.38
C LEU A 20 9.05 7.96 3.26
C LEU A 20 9.05 7.95 3.26
N ASN A 21 9.81 7.38 2.33
CA ASN A 21 10.35 8.13 1.18
C ASN A 21 9.21 8.65 0.29
N ALA A 22 8.16 7.85 0.13
CA ALA A 22 6.94 8.30 -0.58
C ALA A 22 6.31 9.53 0.08
N TRP A 23 6.27 9.54 1.42
CA TRP A 23 5.76 10.71 2.17
C TRP A 23 6.68 11.93 2.03
N VAL A 24 8.00 11.72 2.13
CA VAL A 24 8.99 12.79 1.89
C VAL A 24 8.78 13.39 0.51
N LYS A 25 8.64 12.54 -0.50
CA LYS A 25 8.41 12.96 -1.87
C LYS A 25 7.14 13.77 -2.07
N VAL A 26 6.03 13.35 -1.48
CA VAL A 26 4.76 14.08 -1.65
C VAL A 26 4.87 15.50 -1.09
N VAL A 27 5.49 15.63 0.08
CA VAL A 27 5.66 16.93 0.74
C VAL A 27 6.63 17.82 -0.06
N GLU A 28 7.72 17.25 -0.56
CA GLU A 28 8.73 18.00 -1.32
C GLU A 28 8.26 18.38 -2.74
N GLU A 29 7.51 17.50 -3.40
CA GLU A 29 7.12 17.72 -4.81
C GLU A 29 5.80 18.48 -4.94
N LYS A 30 4.84 18.16 -4.07
CA LYS A 30 3.49 18.74 -4.14
C LYS A 30 3.23 19.85 -3.13
N ALA A 31 4.20 20.16 -2.26
CA ALA A 31 4.03 21.11 -1.17
C ALA A 31 2.76 20.73 -0.42
N PHE A 32 1.83 21.66 -0.26
CA PHE A 32 0.58 21.38 0.40
C PHE A 32 -0.63 21.54 -0.51
N SER A 33 -0.54 20.92 -1.69
N SER A 33 -0.54 20.91 -1.68
CA SER A 33 -1.69 20.75 -2.57
CA SER A 33 -1.66 20.74 -2.57
C SER A 33 -2.63 19.70 -1.97
C SER A 33 -2.63 19.69 -1.98
N PRO A 34 -3.89 19.64 -2.45
CA PRO A 34 -4.88 18.68 -1.90
C PRO A 34 -4.48 17.22 -1.87
N GLU A 35 -3.67 16.77 -2.84
CA GLU A 35 -3.24 15.36 -2.88
C GLU A 35 -2.37 14.89 -1.69
N VAL A 36 -1.86 15.82 -0.89
CA VAL A 36 -1.10 15.46 0.33
C VAL A 36 -1.97 14.67 1.33
N ILE A 37 -3.27 14.96 1.35
CA ILE A 37 -4.21 14.31 2.27
C ILE A 37 -4.45 12.83 1.92
N PRO A 38 -4.92 12.52 0.70
CA PRO A 38 -5.08 11.08 0.39
C PRO A 38 -3.78 10.29 0.44
N MET A 39 -2.66 10.93 0.09
CA MET A 39 -1.33 10.32 0.24
C MET A 39 -0.99 10.02 1.69
N PHE A 40 -1.16 11.01 2.56
CA PHE A 40 -0.95 10.78 3.99
C PHE A 40 -1.80 9.62 4.52
N SER A 41 -3.09 9.67 4.19
CA SER A 41 -4.07 8.66 4.61
C SER A 41 -3.67 7.24 4.19
N ALA A 42 -3.23 7.09 2.94
CA ALA A 42 -2.78 5.80 2.43
C ALA A 42 -1.49 5.33 3.07
N LEU A 43 -0.51 6.23 3.14
CA LEU A 43 0.83 5.90 3.64
C LEU A 43 0.87 5.62 5.15
N SER A 44 -0.10 6.14 5.90
CA SER A 44 -0.17 5.92 7.35
C SER A 44 -1.10 4.76 7.75
N GLU A 45 -1.53 3.95 6.78
CA GLU A 45 -2.31 2.75 7.08
C GLU A 45 -1.55 1.87 8.07
N GLY A 46 -2.21 1.53 9.20
CA GLY A 46 -1.60 0.70 10.25
C GLY A 46 -0.55 1.36 11.14
N ALA A 47 -0.42 2.68 11.06
CA ALA A 47 0.62 3.40 11.76
C ALA A 47 0.28 3.57 13.24
N THR A 48 1.26 3.33 14.11
CA THR A 48 1.17 3.69 15.54
C THR A 48 1.40 5.20 15.66
N PRO A 49 1.02 5.80 16.80
CA PRO A 49 1.39 7.20 17.05
C PRO A 49 2.89 7.51 16.90
N GLN A 50 3.75 6.62 17.40
CA GLN A 50 5.20 6.76 17.15
C GLN A 50 5.50 6.87 15.65
N ASP A 51 4.92 5.97 14.85
CA ASP A 51 5.11 6.00 13.40
C ASP A 51 4.61 7.30 12.77
N LEU A 52 3.46 7.78 13.23
CA LEU A 52 2.92 9.04 12.73
C LEU A 52 3.83 10.23 13.04
N ASN A 53 4.44 10.23 14.23
CA ASN A 53 5.44 11.25 14.56
C ASN A 53 6.68 11.16 13.69
N THR A 54 7.12 9.94 13.40
CA THR A 54 8.23 9.76 12.44
C THR A 54 7.89 10.43 11.10
N MET A 55 6.64 10.26 10.64
CA MET A 55 6.19 10.90 9.40
C MET A 55 6.10 12.42 9.52
N LEU A 56 5.55 12.90 10.64
CA LEU A 56 5.42 14.34 10.90
C LEU A 56 6.77 15.05 10.97
N ASN A 57 7.80 14.39 11.51
CA ASN A 57 9.12 15.00 11.65
C ASN A 57 9.77 15.34 10.30
N THR A 58 9.40 14.64 9.24
CA THR A 58 9.86 15.00 7.88
C THR A 58 9.25 16.32 7.34
N VAL A 59 8.22 16.85 8.02
CA VAL A 59 7.59 18.15 7.68
C VAL A 59 8.23 19.30 8.48
N GLY A 60 9.22 18.99 9.32
CA GLY A 60 9.88 19.98 10.19
C GLY A 60 10.55 21.16 9.51
N GLY A 61 10.95 20.99 8.25
CA GLY A 61 11.51 22.08 7.47
C GLY A 61 10.51 23.14 7.06
N HIS A 62 9.21 22.86 7.22
CA HIS A 62 8.13 23.76 6.82
C HIS A 62 7.46 24.32 8.07
N GLN A 63 7.98 25.45 8.53
CA GLN A 63 7.66 26.04 9.83
C GLN A 63 6.20 26.39 10.03
N ALA A 64 5.63 27.14 9.09
CA ALA A 64 4.22 27.54 9.17
C ALA A 64 3.28 26.34 9.18
N ALA A 65 3.51 25.40 8.26
CA ALA A 65 2.74 24.15 8.21
C ALA A 65 2.85 23.36 9.51
N MET A 66 4.07 23.19 10.01
CA MET A 66 4.29 22.43 11.26
C MET A 66 3.58 23.08 12.44
N GLN A 67 3.65 24.41 12.53
CA GLN A 67 2.95 25.16 13.57
C GLN A 67 1.42 24.95 13.52
N MET A 68 0.85 24.99 12.31
CA MET A 68 -0.57 24.69 12.10
C MET A 68 -0.95 23.27 12.53
N LEU A 69 -0.09 22.30 12.20
CA LEU A 69 -0.31 20.90 12.59
C LEU A 69 -0.29 20.79 14.11
N LYS A 70 0.74 21.38 14.73
CA LYS A 70 0.89 21.35 16.19
C LYS A 70 -0.31 22.00 16.90
N GLU A 71 -0.75 23.16 16.40
CA GLU A 71 -1.92 23.85 16.95
C GLU A 71 -3.19 23.00 16.88
N THR A 72 -3.40 22.35 15.74
CA THR A 72 -4.56 21.49 15.54
C THR A 72 -4.52 20.24 16.45
N ILE A 73 -3.36 19.59 16.53
CA ILE A 73 -3.17 18.46 17.42
C ILE A 73 -3.45 18.89 18.87
N ASN A 74 -2.93 20.05 19.28
CA ASN A 74 -3.19 20.57 20.62
C ASN A 74 -4.67 20.78 20.89
N GLU A 75 -5.39 21.35 19.93
CA GLU A 75 -6.82 21.59 20.08
C GLU A 75 -7.59 20.29 20.21
N GLU A 76 -7.26 19.33 19.35
CA GLU A 76 -7.93 18.04 19.38
C GLU A 76 -7.61 17.23 20.63
N ALA A 77 -6.34 17.27 21.07
CA ALA A 77 -5.95 16.63 22.33
C ALA A 77 -6.69 17.22 23.53
N ALA A 78 -6.85 18.54 23.55
CA ALA A 78 -7.59 19.24 24.61
C ALA A 78 -9.07 18.84 24.60
N GLU A 79 -9.69 18.79 23.43
CA GLU A 79 -11.08 18.32 23.32
C GLU A 79 -11.22 16.85 23.72
N TRP A 80 -10.25 16.02 23.35
CA TRP A 80 -10.25 14.61 23.75
C TRP A 80 -10.28 14.49 25.28
N ASP A 81 -9.39 15.24 25.95
CA ASP A 81 -9.26 15.18 27.41
C ASP A 81 -10.52 15.72 28.11
N ARG A 82 -11.16 16.70 27.50
CA ARG A 82 -12.43 17.23 28.02
C ARG A 82 -13.52 16.17 27.93
N LEU A 83 -13.62 15.50 26.79
CA LEU A 83 -14.63 14.45 26.57
C LEU A 83 -14.33 13.13 27.28
N HIS A 84 -13.05 12.76 27.36
CA HIS A 84 -12.62 11.45 27.86
C HIS A 84 -11.52 11.62 28.90
N PRO A 85 -11.85 12.28 30.02
CA PRO A 85 -10.83 12.47 31.06
C PRO A 85 -10.43 11.14 31.67
N VAL A 86 -9.17 11.04 32.09
CA VAL A 86 -8.66 9.84 32.73
C VAL A 86 -9.28 9.74 34.12
N HIS A 87 -9.76 8.55 34.45
CA HIS A 87 -10.31 8.27 35.77
C HIS A 87 -9.20 7.78 36.68
N ALA A 88 -8.99 8.47 37.80
CA ALA A 88 -8.07 8.00 38.83
C ALA A 88 -8.53 6.64 39.36
N GLY A 89 -7.57 5.73 39.56
CA GLY A 89 -7.83 4.42 40.15
C GLY A 89 -7.07 3.28 39.48
N PRO A 90 -7.15 2.07 40.04
CA PRO A 90 -6.40 0.92 39.52
C PRO A 90 -6.95 0.37 38.21
N ILE A 91 -6.07 -0.23 37.41
CA ILE A 91 -6.45 -0.85 36.14
C ILE A 91 -6.82 -2.31 36.37
N ALA A 92 -7.97 -2.72 35.85
CA ALA A 92 -8.48 -4.08 36.02
C ALA A 92 -7.66 -5.07 35.20
N PRO A 93 -7.57 -6.35 35.64
CA PRO A 93 -6.77 -7.33 34.91
C PRO A 93 -7.28 -7.58 33.49
N GLY A 94 -6.36 -7.57 32.52
CA GLY A 94 -6.70 -7.66 31.10
C GLY A 94 -7.01 -6.34 30.42
N GLN A 95 -7.29 -5.29 31.21
CA GLN A 95 -7.60 -3.96 30.68
C GLN A 95 -6.37 -3.05 30.66
N MET A 96 -6.49 -1.99 29.88
CA MET A 96 -5.48 -0.97 29.74
C MET A 96 -5.93 0.31 30.43
N ARG A 97 -4.95 1.13 30.81
CA ARG A 97 -5.24 2.48 31.28
C ARG A 97 -5.86 3.30 30.13
N GLU A 98 -6.64 4.31 30.50
CA GLU A 98 -7.31 5.16 29.52
C GLU A 98 -6.29 6.10 28.87
N PRO A 99 -6.34 6.25 27.54
CA PRO A 99 -5.41 7.14 26.88
C PRO A 99 -5.84 8.60 27.01
N ARG A 100 -4.90 9.46 27.35
CA ARG A 100 -5.11 10.89 27.25
C ARG A 100 -4.66 11.40 25.87
N GLY A 101 -4.92 12.67 25.60
CA GLY A 101 -4.58 13.27 24.30
C GLY A 101 -3.12 13.11 23.94
N SER A 102 -2.24 13.32 24.92
CA SER A 102 -0.79 13.17 24.73
C SER A 102 -0.35 11.72 24.51
N ASP A 103 -1.14 10.78 25.03
CA ASP A 103 -0.93 9.35 24.74
C ASP A 103 -1.27 9.03 23.30
N ILE A 104 -2.39 9.58 22.82
CA ILE A 104 -2.80 9.43 21.42
C ILE A 104 -1.76 10.04 20.48
N ALA A 105 -1.22 11.19 20.84
CA ALA A 105 -0.20 11.86 20.04
C ALA A 105 1.20 11.26 20.20
N GLY A 106 1.32 10.23 21.03
CA GLY A 106 2.56 9.48 21.18
C GLY A 106 3.64 10.14 22.02
N THR A 107 3.33 11.22 22.73
CA THR A 107 4.36 11.91 23.52
C THR A 107 4.47 11.41 24.96
N THR A 108 3.41 10.84 25.50
CA THR A 108 3.43 10.28 26.87
C THR A 108 3.11 8.79 26.94
N SER A 109 2.90 8.14 25.80
CA SER A 109 2.63 6.71 25.73
C SER A 109 3.83 5.92 25.20
N THR A 110 4.09 4.76 25.80
CA THR A 110 5.14 3.88 25.30
C THR A 110 4.63 3.18 24.06
N LEU A 111 5.58 2.70 23.26
CA LEU A 111 5.24 1.98 22.05
C LEU A 111 4.39 0.75 22.39
N GLN A 112 4.65 0.14 23.54
CA GLN A 112 3.94 -1.06 23.96
C GLN A 112 2.52 -0.70 24.39
N GLU A 113 2.34 0.43 25.04
CA GLU A 113 1.01 0.95 25.35
C GLU A 113 0.20 1.23 24.07
N GLN A 114 0.85 1.86 23.09
CA GLN A 114 0.21 2.14 21.81
C GLN A 114 -0.29 0.86 21.14
N ILE A 115 0.59 -0.13 21.06
CA ILE A 115 0.22 -1.42 20.46
C ILE A 115 -0.85 -2.13 21.28
N GLY A 116 -0.75 -2.04 22.61
CA GLY A 116 -1.77 -2.58 23.51
C GLY A 116 -3.14 -2.00 23.28
N TRP A 117 -3.24 -0.69 23.08
CA TRP A 117 -4.52 -0.05 22.76
C TRP A 117 -5.01 -0.47 21.38
N MET A 118 -4.13 -0.37 20.39
CA MET A 118 -4.50 -0.61 19.01
C MET A 118 -4.94 -2.04 18.73
N THR A 119 -4.38 -3.01 19.46
CA THR A 119 -4.68 -4.43 19.28
C THR A 119 -5.54 -5.00 20.41
N HIS A 120 -6.07 -4.12 21.26
CA HIS A 120 -7.02 -4.51 22.29
C HIS A 120 -8.29 -5.07 21.64
N ASN A 121 -9.04 -5.87 22.41
CA ASN A 121 -10.29 -6.44 21.98
C ASN A 121 -11.41 -5.94 22.91
N PRO A 122 -12.16 -4.89 22.53
CA PRO A 122 -12.09 -4.21 21.23
C PRO A 122 -10.98 -3.16 21.13
N PRO A 123 -10.66 -2.72 19.89
CA PRO A 123 -9.57 -1.75 19.74
C PRO A 123 -9.84 -0.43 20.44
N ILE A 124 -8.77 0.15 20.96
CA ILE A 124 -8.76 1.52 21.41
C ILE A 124 -7.85 2.14 20.35
N PRO A 125 -8.45 2.67 19.26
CA PRO A 125 -7.71 2.90 18.02
C PRO A 125 -6.93 4.22 18.00
N VAL A 126 -5.90 4.29 18.84
CA VAL A 126 -5.17 5.56 19.03
C VAL A 126 -4.44 6.02 17.76
N GLY A 127 -4.02 5.05 16.93
CA GLY A 127 -3.47 5.36 15.62
C GLY A 127 -4.47 6.08 14.71
N GLU A 128 -5.68 5.53 14.63
CA GLU A 128 -6.74 6.13 13.83
C GLU A 128 -7.16 7.49 14.37
N ILE A 129 -7.22 7.60 15.69
CA ILE A 129 -7.64 8.85 16.32
C ILE A 129 -6.60 9.94 16.03
N TYR A 130 -5.31 9.63 16.23
CA TYR A 130 -4.25 10.61 15.94
C TYR A 130 -4.21 10.98 14.46
N LYS A 131 -4.39 9.98 13.59
CA LYS A 131 -4.52 10.21 12.14
C LYS A 131 -5.59 11.24 11.83
N ARG A 132 -6.75 11.12 12.48
CA ARG A 132 -7.86 12.06 12.27
C ARG A 132 -7.44 13.48 12.61
N TRP A 133 -6.73 13.64 13.73
CA TRP A 133 -6.24 14.96 14.12
C TRP A 133 -5.26 15.51 13.10
N ILE A 134 -4.35 14.66 12.62
CA ILE A 134 -3.33 15.09 11.65
C ILE A 134 -4.01 15.50 10.33
N ILE A 135 -4.98 14.70 9.88
CA ILE A 135 -5.74 15.02 8.64
C ILE A 135 -6.52 16.35 8.79
N LEU A 136 -7.07 16.59 9.97
CA LEU A 136 -7.64 17.91 10.30
C LEU A 136 -6.63 19.03 10.09
N GLY A 137 -5.42 18.85 10.63
CA GLY A 137 -4.34 19.82 10.45
C GLY A 137 -3.92 19.98 9.00
N LEU A 138 -3.74 18.86 8.30
CA LEU A 138 -3.40 18.90 6.88
C LEU A 138 -4.47 19.63 6.06
N ASN A 139 -5.75 19.42 6.40
CA ASN A 139 -6.84 20.15 5.72
C ASN A 139 -6.73 21.66 5.91
N LYS A 140 -6.41 22.09 7.12
CA LYS A 140 -6.20 23.52 7.39
C LYS A 140 -5.04 24.08 6.61
N ILE A 141 -3.96 23.31 6.51
CA ILE A 141 -2.76 23.72 5.77
C ILE A 141 -3.09 23.83 4.29
N VAL A 142 -3.78 22.82 3.74
CA VAL A 142 -4.16 22.85 2.33
C VAL A 142 -5.02 24.09 2.04
N ARG A 143 -6.00 24.36 2.90
CA ARG A 143 -6.84 25.56 2.76
C ARG A 143 -6.02 26.85 2.83
N MET A 144 -5.04 26.93 3.72
CA MET A 144 -4.20 28.13 3.84
C MET A 144 -3.37 28.38 2.58
N TYR A 145 -2.86 27.31 1.96
CA TYR A 145 -2.02 27.40 0.77
C TYR A 145 -2.78 27.34 -0.57
N SER A 146 -4.09 27.12 -0.54
N SER A 146 -4.09 27.12 -0.54
CA SER A 146 -4.89 27.01 -1.77
CA SER A 146 -4.90 27.03 -1.76
C SER A 146 -5.17 28.36 -2.40
C SER A 146 -5.18 28.42 -2.30
N PRO B 1 -4.89 0.08 -13.46
CA PRO B 1 -6.19 -0.48 -13.83
C PRO B 1 -6.75 0.13 -15.11
N ILE B 2 -7.96 -0.29 -15.48
CA ILE B 2 -8.61 0.13 -16.72
C ILE B 2 -9.90 0.84 -16.36
N VAL B 3 -10.11 2.02 -16.95
CA VAL B 3 -11.33 2.81 -16.78
C VAL B 3 -11.85 3.24 -18.16
N GLN B 4 -13.08 3.72 -18.21
CA GLN B 4 -13.62 4.30 -19.45
C GLN B 4 -13.32 5.79 -19.60
N ASN B 5 -12.87 6.22 -20.78
CA ASN B 5 -12.82 7.68 -21.08
C ASN B 5 -14.19 8.17 -21.55
N LEU B 6 -14.31 9.47 -21.85
CA LEU B 6 -15.61 10.08 -22.18
C LEU B 6 -16.31 9.46 -23.39
N GLN B 7 -15.53 9.00 -24.37
CA GLN B 7 -16.07 8.37 -25.59
C GLN B 7 -16.22 6.84 -25.45
N GLY B 8 -16.12 6.33 -24.22
CA GLY B 8 -16.44 4.93 -23.93
C GLY B 8 -15.31 3.93 -24.19
N GLN B 9 -14.12 4.42 -24.52
CA GLN B 9 -12.98 3.54 -24.76
C GLN B 9 -12.29 3.24 -23.44
N MET B 10 -11.70 2.06 -23.38
CA MET B 10 -10.98 1.59 -22.20
C MET B 10 -9.57 2.19 -22.19
N VAL B 11 -9.20 2.88 -21.11
CA VAL B 11 -7.90 3.55 -20.98
C VAL B 11 -7.28 3.21 -19.63
N HIS B 12 -5.98 3.44 -19.51
CA HIS B 12 -5.26 3.13 -18.28
C HIS B 12 -5.48 4.19 -17.21
N GLN B 13 -5.63 3.74 -15.97
CA GLN B 13 -5.54 4.58 -14.77
C GLN B 13 -4.44 4.03 -13.87
N ALA B 14 -3.66 4.93 -13.27
CA ALA B 14 -2.57 4.53 -12.36
C ALA B 14 -3.10 3.73 -11.19
N ILE B 15 -2.25 2.89 -10.62
CA ILE B 15 -2.60 2.14 -9.40
C ILE B 15 -2.78 3.19 -8.29
N SER B 16 -3.81 3.01 -7.46
CA SER B 16 -4.05 3.93 -6.33
C SER B 16 -2.86 3.85 -5.35
N PRO B 17 -2.39 5.00 -4.83
CA PRO B 17 -1.33 4.95 -3.82
C PRO B 17 -1.66 4.06 -2.61
N ARG B 18 -2.93 3.96 -2.24
CA ARG B 18 -3.38 3.06 -1.18
C ARG B 18 -3.14 1.59 -1.56
N THR B 19 -3.51 1.22 -2.78
CA THR B 19 -3.32 -0.14 -3.28
C THR B 19 -1.85 -0.55 -3.29
N LEU B 20 -0.99 0.33 -3.83
CA LEU B 20 0.44 0.07 -3.91
C LEU B 20 1.10 0.03 -2.55
N ASN B 21 0.75 0.98 -1.68
CA ASN B 21 1.28 0.99 -0.32
C ASN B 21 0.85 -0.24 0.47
N ALA B 22 -0.39 -0.70 0.27
CA ALA B 22 -0.87 -1.95 0.87
C ALA B 22 -0.02 -3.14 0.44
N TRP B 23 0.38 -3.19 -0.83
CA TRP B 23 1.26 -4.24 -1.34
C TRP B 23 2.68 -4.13 -0.73
N VAL B 24 3.22 -2.92 -0.66
CA VAL B 24 4.51 -2.68 0.00
C VAL B 24 4.46 -3.20 1.44
N LYS B 25 3.39 -2.84 2.15
CA LYS B 25 3.16 -3.29 3.54
C LYS B 25 3.09 -4.82 3.73
N VAL B 26 2.36 -5.53 2.85
CA VAL B 26 2.23 -7.00 3.01
C VAL B 26 3.60 -7.67 2.83
N VAL B 27 4.40 -7.18 1.88
CA VAL B 27 5.73 -7.72 1.62
C VAL B 27 6.68 -7.45 2.79
N GLU B 28 6.63 -6.23 3.34
CA GLU B 28 7.52 -5.86 4.45
C GLU B 28 7.12 -6.45 5.80
N GLU B 29 5.82 -6.58 6.04
CA GLU B 29 5.29 -6.94 7.35
C GLU B 29 4.95 -8.42 7.52
N LYS B 30 4.57 -9.09 6.43
CA LYS B 30 4.17 -10.50 6.49
C LYS B 30 5.30 -11.48 6.16
N ALA B 31 6.47 -10.99 5.74
CA ALA B 31 7.67 -11.84 5.57
C ALA B 31 7.41 -13.12 4.74
N PHE B 32 6.81 -12.93 3.57
CA PHE B 32 6.38 -14.01 2.65
C PHE B 32 5.66 -15.18 3.35
N SER B 33 4.77 -14.83 4.27
CA SER B 33 3.84 -15.79 4.89
C SER B 33 2.74 -16.05 3.86
N PRO B 34 1.92 -17.10 4.06
CA PRO B 34 0.87 -17.45 3.09
C PRO B 34 -0.11 -16.32 2.72
N GLU B 35 -0.39 -15.40 3.66
CA GLU B 35 -1.30 -14.28 3.38
C GLU B 35 -0.86 -13.28 2.27
N VAL B 36 0.40 -13.32 1.86
N VAL B 36 0.41 -13.27 1.87
CA VAL B 36 0.88 -12.51 0.73
CA VAL B 36 0.82 -12.43 0.73
C VAL B 36 0.14 -12.83 -0.57
C VAL B 36 0.06 -12.81 -0.56
N ILE B 37 -0.27 -14.09 -0.73
CA ILE B 37 -0.94 -14.56 -1.95
C ILE B 37 -2.36 -13.98 -2.08
N PRO B 38 -3.24 -14.18 -1.08
CA PRO B 38 -4.58 -13.57 -1.23
C PRO B 38 -4.53 -12.04 -1.29
N MET B 39 -3.57 -11.44 -0.60
CA MET B 39 -3.35 -9.99 -0.67
C MET B 39 -2.94 -9.55 -2.07
N PHE B 40 -1.96 -10.22 -2.64
CA PHE B 40 -1.58 -9.94 -4.02
C PHE B 40 -2.76 -10.08 -4.97
N SER B 41 -3.48 -11.20 -4.85
N SER B 41 -3.49 -11.19 -4.86
CA SER B 41 -4.67 -11.50 -5.65
CA SER B 41 -4.63 -11.46 -5.72
C SER B 41 -5.72 -10.39 -5.60
C SER B 41 -5.71 -10.36 -5.62
N ALA B 42 -6.01 -9.91 -4.40
CA ALA B 42 -6.99 -8.85 -4.20
C ALA B 42 -6.52 -7.51 -4.74
N LEU B 43 -5.28 -7.14 -4.41
CA LEU B 43 -4.71 -5.84 -4.75
C LEU B 43 -4.47 -5.68 -6.25
N SER B 44 -4.29 -6.79 -6.96
CA SER B 44 -4.06 -6.80 -8.40
C SER B 44 -5.34 -7.02 -9.23
N GLU B 45 -6.51 -6.95 -8.60
CA GLU B 45 -7.78 -7.03 -9.33
C GLU B 45 -7.81 -5.96 -10.42
N GLY B 46 -8.05 -6.40 -11.66
CA GLY B 46 -8.13 -5.50 -12.81
C GLY B 46 -6.79 -4.93 -13.26
N ALA B 47 -5.67 -5.50 -12.80
CA ALA B 47 -4.35 -4.95 -13.10
C ALA B 47 -3.94 -5.37 -14.50
N THR B 48 -3.39 -4.42 -15.24
CA THR B 48 -2.71 -4.71 -16.50
C THR B 48 -1.33 -5.30 -16.19
N PRO B 49 -0.69 -5.95 -17.18
CA PRO B 49 0.70 -6.33 -17.00
C PRO B 49 1.64 -5.19 -16.57
N GLN B 50 1.49 -4.00 -17.15
CA GLN B 50 2.24 -2.82 -16.69
C GLN B 50 2.04 -2.60 -15.19
N ASP B 51 0.78 -2.60 -14.74
CA ASP B 51 0.47 -2.44 -13.32
C ASP B 51 1.11 -3.53 -12.46
N LEU B 52 1.07 -4.76 -12.93
CA LEU B 52 1.66 -5.88 -12.21
C LEU B 52 3.18 -5.71 -12.06
N ASN B 53 3.84 -5.23 -13.11
CA ASN B 53 5.26 -4.90 -13.02
C ASN B 53 5.55 -3.78 -12.04
N THR B 54 4.69 -2.77 -12.01
CA THR B 54 4.82 -1.69 -11.00
C THR B 54 4.77 -2.31 -9.59
N MET B 55 3.88 -3.27 -9.38
CA MET B 55 3.79 -3.98 -8.09
C MET B 55 5.03 -4.85 -7.83
N LEU B 56 5.48 -5.58 -8.85
CA LEU B 56 6.66 -6.46 -8.72
C LEU B 56 7.94 -5.68 -8.40
N ASN B 57 8.07 -4.48 -8.96
CA ASN B 57 9.28 -3.68 -8.74
C ASN B 57 9.48 -3.26 -7.28
N THR B 58 8.40 -3.21 -6.51
CA THR B 58 8.51 -2.99 -5.05
C THR B 58 9.10 -4.17 -4.28
N VAL B 59 9.22 -5.34 -4.93
CA VAL B 59 9.82 -6.53 -4.33
C VAL B 59 11.34 -6.59 -4.66
N GLY B 60 11.86 -5.62 -5.40
CA GLY B 60 13.26 -5.58 -5.83
C GLY B 60 14.34 -5.59 -4.76
N GLY B 61 13.99 -5.11 -3.57
CA GLY B 61 14.87 -5.18 -2.41
C GLY B 61 15.07 -6.57 -1.84
N HIS B 62 14.24 -7.53 -2.26
CA HIS B 62 14.31 -8.92 -1.77
C HIS B 62 14.80 -9.81 -2.89
N GLN B 63 16.12 -9.94 -2.95
CA GLN B 63 16.82 -10.54 -4.07
C GLN B 63 16.42 -11.99 -4.36
N ALA B 64 16.45 -12.83 -3.32
CA ALA B 64 16.11 -14.25 -3.46
C ALA B 64 14.67 -14.43 -3.96
N ALA B 65 13.74 -13.71 -3.34
CA ALA B 65 12.34 -13.73 -3.75
C ALA B 65 12.16 -13.27 -5.20
N MET B 66 12.78 -12.14 -5.54
CA MET B 66 12.68 -11.62 -6.90
C MET B 66 13.25 -12.58 -7.95
N GLN B 67 14.39 -13.21 -7.63
CA GLN B 67 15.00 -14.21 -8.51
C GLN B 67 14.07 -15.40 -8.77
N MET B 68 13.41 -15.88 -7.71
CA MET B 68 12.41 -16.95 -7.86
C MET B 68 11.21 -16.53 -8.71
N LEU B 69 10.73 -15.30 -8.52
CA LEU B 69 9.62 -14.77 -9.32
C LEU B 69 10.02 -14.68 -10.80
N LYS B 70 11.21 -14.13 -11.05
CA LYS B 70 11.73 -14.02 -12.42
C LYS B 70 11.89 -15.39 -13.09
N GLU B 71 12.45 -16.37 -12.37
N GLU B 71 12.43 -16.36 -12.35
CA GLU B 71 12.61 -17.72 -12.89
CA GLU B 71 12.62 -17.72 -12.85
C GLU B 71 11.28 -18.38 -13.25
C GLU B 71 11.31 -18.41 -13.23
N THR B 72 10.29 -18.21 -12.38
CA THR B 72 8.96 -18.75 -12.62
C THR B 72 8.26 -18.08 -13.81
N ILE B 73 8.32 -16.75 -13.88
CA ILE B 73 7.77 -16.02 -15.04
C ILE B 73 8.44 -16.49 -16.34
N ASN B 74 9.78 -16.63 -16.32
CA ASN B 74 10.49 -17.13 -17.49
C ASN B 74 10.04 -18.52 -17.95
N GLU B 75 9.87 -19.43 -17.00
CA GLU B 75 9.45 -20.79 -17.34
C GLU B 75 8.02 -20.79 -17.89
N GLU B 76 7.13 -20.01 -17.29
CA GLU B 76 5.73 -19.92 -17.75
C GLU B 76 5.61 -19.24 -19.11
N ALA B 77 6.39 -18.17 -19.32
CA ALA B 77 6.43 -17.50 -20.64
C ALA B 77 6.93 -18.44 -21.74
N ALA B 78 7.95 -19.24 -21.44
CA ALA B 78 8.47 -20.23 -22.39
C ALA B 78 7.43 -21.31 -22.72
N GLU B 79 6.74 -21.82 -21.70
CA GLU B 79 5.65 -22.77 -21.93
C GLU B 79 4.50 -22.15 -22.74
N TRP B 80 4.17 -20.90 -22.44
CA TRP B 80 3.13 -20.19 -23.18
C TRP B 80 3.46 -20.14 -24.68
N ASP B 81 4.70 -19.76 -24.98
CA ASP B 81 5.16 -19.63 -26.37
C ASP B 81 5.20 -20.99 -27.08
N ARG B 82 5.52 -22.04 -26.34
CA ARG B 82 5.50 -23.41 -26.89
C ARG B 82 4.07 -23.82 -27.25
N LEU B 83 3.14 -23.55 -26.35
CA LEU B 83 1.72 -23.88 -26.58
C LEU B 83 1.00 -22.98 -27.56
N HIS B 84 1.35 -21.68 -27.55
CA HIS B 84 0.62 -20.66 -28.32
C HIS B 84 1.60 -19.80 -29.10
N PRO B 85 2.34 -20.43 -30.04
CA PRO B 85 3.29 -19.67 -30.83
C PRO B 85 2.58 -18.67 -31.71
N VAL B 86 3.23 -17.53 -31.98
CA VAL B 86 2.64 -16.51 -32.81
C VAL B 86 2.65 -16.99 -34.26
N HIS B 87 1.53 -16.82 -34.94
CA HIS B 87 1.40 -17.19 -36.35
C HIS B 87 1.77 -15.99 -37.20
N ALA B 88 2.76 -16.16 -38.08
CA ALA B 88 3.09 -15.14 -39.07
C ALA B 88 1.88 -14.95 -39.99
N GLY B 89 1.56 -13.70 -40.30
CA GLY B 89 0.46 -13.38 -41.22
C GLY B 89 -0.41 -12.24 -40.73
N PRO B 90 -1.39 -11.83 -41.58
CA PRO B 90 -2.25 -10.68 -41.25
C PRO B 90 -3.27 -10.99 -40.16
N ILE B 91 -3.64 -9.97 -39.41
CA ILE B 91 -4.59 -10.13 -38.30
C ILE B 91 -6.00 -10.10 -38.87
N ALA B 92 -6.81 -11.07 -38.47
CA ALA B 92 -8.17 -11.25 -38.97
C ALA B 92 -9.10 -10.16 -38.40
N PRO B 93 -10.16 -9.79 -39.14
CA PRO B 93 -11.05 -8.73 -38.66
C PRO B 93 -11.72 -9.08 -37.33
N GLY B 94 -11.70 -8.13 -36.39
CA GLY B 94 -12.20 -8.37 -35.03
C GLY B 94 -11.17 -8.95 -34.07
N GLN B 95 -10.07 -9.50 -34.59
CA GLN B 95 -9.00 -10.08 -33.78
C GLN B 95 -7.86 -9.08 -33.52
N MET B 96 -7.10 -9.33 -32.46
CA MET B 96 -5.83 -8.64 -32.18
C MET B 96 -4.69 -9.57 -32.47
N ARG B 97 -3.46 -9.04 -32.56
CA ARG B 97 -2.30 -9.92 -32.71
C ARG B 97 -2.23 -10.85 -31.50
N GLU B 98 -1.65 -12.03 -31.71
CA GLU B 98 -1.53 -13.02 -30.66
C GLU B 98 -0.47 -12.59 -29.65
N PRO B 99 -0.78 -12.70 -28.35
CA PRO B 99 0.22 -12.31 -27.35
C PRO B 99 1.27 -13.41 -27.15
N ARG B 100 2.54 -13.03 -27.14
CA ARG B 100 3.59 -13.93 -26.71
C ARG B 100 3.81 -13.80 -25.20
N GLY B 101 4.66 -14.64 -24.66
CA GLY B 101 4.92 -14.65 -23.21
C GLY B 101 5.39 -13.31 -22.69
N SER B 102 6.27 -12.66 -23.46
CA SER B 102 6.78 -11.34 -23.11
C SER B 102 5.75 -10.22 -23.22
N ASP B 103 4.74 -10.42 -24.08
CA ASP B 103 3.57 -9.53 -24.14
C ASP B 103 2.73 -9.64 -22.88
N ILE B 104 2.51 -10.87 -22.42
CA ILE B 104 1.78 -11.16 -21.19
C ILE B 104 2.50 -10.57 -19.96
N ALA B 105 3.82 -10.70 -19.94
CA ALA B 105 4.63 -10.13 -18.86
C ALA B 105 4.87 -8.63 -18.98
N GLY B 106 4.33 -8.00 -20.04
CA GLY B 106 4.37 -6.55 -20.21
C GLY B 106 5.67 -5.95 -20.69
N THR B 107 6.62 -6.77 -21.14
CA THR B 107 7.92 -6.26 -21.58
C THR B 107 7.98 -5.92 -23.07
N THR B 108 7.14 -6.55 -23.89
CA THR B 108 7.10 -6.27 -25.33
C THR B 108 5.73 -5.79 -25.84
N SER B 109 4.76 -5.62 -24.93
CA SER B 109 3.43 -5.15 -25.29
C SER B 109 3.23 -3.71 -24.82
N THR B 110 2.55 -2.90 -25.64
CA THR B 110 2.19 -1.54 -25.22
C THR B 110 1.04 -1.64 -24.25
N LEU B 111 0.88 -0.58 -23.46
CA LEU B 111 -0.25 -0.47 -22.55
C LEU B 111 -1.60 -0.60 -23.29
N GLN B 112 -1.66 -0.06 -24.50
CA GLN B 112 -2.87 -0.07 -25.29
C GLN B 112 -3.15 -1.49 -25.80
N GLU B 113 -2.09 -2.22 -26.17
CA GLU B 113 -2.24 -3.63 -26.55
C GLU B 113 -2.76 -4.45 -25.37
N GLN B 114 -2.20 -4.21 -24.19
CA GLN B 114 -2.64 -4.90 -22.97
C GLN B 114 -4.13 -4.67 -22.71
N ILE B 115 -4.56 -3.42 -22.73
CA ILE B 115 -5.97 -3.08 -22.53
C ILE B 115 -6.85 -3.65 -23.64
N GLY B 116 -6.37 -3.60 -24.87
CA GLY B 116 -7.06 -4.20 -26.01
C GLY B 116 -7.32 -5.68 -25.81
N TRP B 117 -6.32 -6.43 -25.33
CA TRP B 117 -6.50 -7.86 -25.08
C TRP B 117 -7.48 -8.06 -23.93
N MET B 118 -7.24 -7.35 -22.83
CA MET B 118 -8.00 -7.55 -21.62
C MET B 118 -9.49 -7.23 -21.75
N THR B 119 -9.81 -6.25 -22.60
CA THR B 119 -11.19 -5.80 -22.79
C THR B 119 -11.78 -6.27 -24.12
N HIS B 120 -11.07 -7.15 -24.82
CA HIS B 120 -11.56 -7.75 -26.04
C HIS B 120 -12.81 -8.56 -25.73
N ASN B 121 -13.61 -8.79 -26.77
CA ASN B 121 -14.82 -9.59 -26.66
C ASN B 121 -14.69 -10.80 -27.60
N PRO B 122 -14.29 -11.98 -27.10
CA PRO B 122 -14.06 -12.28 -25.68
C PRO B 122 -12.69 -11.85 -25.18
N PRO B 123 -12.50 -11.82 -23.85
CA PRO B 123 -11.21 -11.36 -23.33
C PRO B 123 -10.06 -12.25 -23.73
N ILE B 124 -8.90 -11.62 -23.93
CA ILE B 124 -7.63 -12.30 -24.04
C ILE B 124 -6.97 -11.84 -22.74
N PRO B 125 -7.15 -12.63 -21.65
CA PRO B 125 -6.98 -12.10 -20.31
C PRO B 125 -5.51 -12.09 -19.85
N VAL B 126 -4.71 -11.23 -20.48
CA VAL B 126 -3.25 -11.22 -20.24
C VAL B 126 -2.90 -10.81 -18.82
N GLY B 127 -3.72 -9.96 -18.21
CA GLY B 127 -3.60 -9.62 -16.80
C GLY B 127 -3.78 -10.83 -15.90
N GLU B 128 -4.85 -11.61 -16.14
CA GLU B 128 -5.12 -12.82 -15.36
C GLU B 128 -4.06 -13.89 -15.59
N ILE B 129 -3.59 -14.00 -16.83
CA ILE B 129 -2.56 -14.99 -17.16
C ILE B 129 -1.27 -14.63 -16.43
N TYR B 130 -0.84 -13.37 -16.51
CA TYR B 130 0.39 -12.93 -15.84
C TYR B 130 0.26 -13.09 -14.32
N LYS B 131 -0.91 -12.70 -13.79
N LYS B 131 -0.90 -12.73 -13.78
CA LYS B 131 -1.23 -12.92 -12.38
CA LYS B 131 -1.20 -12.93 -12.35
C LYS B 131 -1.02 -14.37 -11.96
C LYS B 131 -1.03 -14.40 -11.93
N ARG B 132 -1.48 -15.32 -12.78
CA ARG B 132 -1.34 -16.76 -12.50
C ARG B 132 0.13 -17.14 -12.41
N TRP B 133 0.96 -16.59 -13.31
CA TRP B 133 2.40 -16.85 -13.27
C TRP B 133 3.01 -16.29 -12.01
N ILE B 134 2.63 -15.06 -11.65
CA ILE B 134 3.17 -14.40 -10.46
C ILE B 134 2.77 -15.18 -9.20
N ILE B 135 1.50 -15.61 -9.14
CA ILE B 135 1.00 -16.40 -7.99
C ILE B 135 1.73 -17.75 -7.87
N LEU B 136 2.03 -18.38 -9.01
CA LEU B 136 2.92 -19.55 -9.03
C LEU B 136 4.27 -19.23 -8.38
N GLY B 137 4.87 -18.11 -8.76
CA GLY B 137 6.12 -17.66 -8.15
C GLY B 137 5.99 -17.36 -6.67
N LEU B 138 4.95 -16.63 -6.30
CA LEU B 138 4.69 -16.33 -4.89
C LEU B 138 4.50 -17.60 -4.05
N ASN B 139 3.82 -18.60 -4.60
CA ASN B 139 3.67 -19.90 -3.93
C ASN B 139 5.01 -20.60 -3.68
N LYS B 140 5.91 -20.54 -4.65
CA LYS B 140 7.28 -21.06 -4.47
C LYS B 140 8.06 -20.31 -3.39
N ILE B 141 7.89 -18.99 -3.34
CA ILE B 141 8.54 -18.14 -2.34
C ILE B 141 8.00 -18.44 -0.95
N VAL B 142 6.68 -18.54 -0.83
CA VAL B 142 6.06 -18.89 0.45
C VAL B 142 6.62 -20.24 0.94
N ARG B 143 6.67 -21.23 0.04
CA ARG B 143 7.26 -22.54 0.37
C ARG B 143 8.73 -22.46 0.81
N MET B 144 9.53 -21.63 0.12
CA MET B 144 10.96 -21.45 0.48
C MET B 144 11.15 -20.82 1.86
N TYR B 145 10.28 -19.87 2.23
CA TYR B 145 10.35 -19.19 3.55
C TYR B 145 9.54 -19.85 4.67
N SER B 146 8.78 -20.90 4.37
CA SER B 146 7.93 -21.58 5.37
C SER B 146 8.78 -22.52 6.24
CL CL C . -6.93 -9.81 -17.78
#